data_9U48
#
_entry.id   9U48
#
_cell.length_a   1.00
_cell.length_b   1.00
_cell.length_c   1.00
_cell.angle_alpha   90.00
_cell.angle_beta   90.00
_cell.angle_gamma   90.00
#
_symmetry.space_group_name_H-M   'P 1'
#
loop_
_entity.id
_entity.type
_entity.pdbx_description
1 polymer 'U6 small nuclear RNA (adenine-(43)-N(6))-methyltransferase'
2 polymer 'U6 small nuclear RNA'
3 non-polymer S-ADENOSYLMETHIONINE
#
loop_
_entity_poly.entity_id
_entity_poly.type
_entity_poly.pdbx_seq_one_letter_code
_entity_poly.pdbx_strand_id
1 'polypeptide(L)'
;MGSSHHHHHHSSGLVPRGSHMASMTDKTDIINFDSLARDYPDLRSFVKNGRIDFWNEDAIRTLGKAILDRDYSLRVEFPE
NRLCPMVPNRATYIRYIHDLLSSTSGQKDKKRIIGLDIGTGASCIYPLLGCRMYSYDFVGTEIDKFSFETAKSNILQNNM
ESQIKIVLRSKQDCLLPDTEGMEEFTFVMCNPPFYEHEEDFINFKQNPPSGVCTGVYHEMVTEGGEVGFANKILTESKKR
KGIQWYTCMFGKKSSVPAVVDKLREQNISNYGIYELALGKTKRWIICWSFQAMRPHNELIRPSSTSLSKYFPHKVLQNWT
LDPELCAQIDDILQKFLDDNKIPWSKKGSVLEISTKSITWSRKARRISKSQTSVSSLEGQMKCELNVIDNQLQCKWIEGY
DYNVYESFCSALARALRDNKK
;
A
2 'polyribonucleotide'
;GAUCUUCGGAUCACUUUGGUCAAAUUGAAACGAUACAGAGAAGAUUAGCAUGGCCCCUGCACAAGGAUGACACUGCGACA
UUGAGAGAAAACCCAUUUU
;
B
#
loop_
_chem_comp.id
_chem_comp.type
_chem_comp.name
_chem_comp.formula
A RNA linking ADENOSINE-5'-MONOPHOSPHATE 'C10 H14 N5 O7 P'
C RNA linking CYTIDINE-5'-MONOPHOSPHATE 'C9 H14 N3 O8 P'
G RNA linking GUANOSINE-5'-MONOPHOSPHATE 'C10 H14 N5 O8 P'
SAM non-polymer S-ADENOSYLMETHIONINE 'C15 H22 N6 O5 S'
U RNA linking URIDINE-5'-MONOPHOSPHATE 'C9 H13 N2 O9 P'
#
# COMPACT_ATOMS: atom_id res chain seq x y z
N PRO A 79 21.65 -1.33 19.62
CA PRO A 79 22.59 -1.08 20.73
C PRO A 79 22.65 0.40 21.09
N GLU A 80 22.96 1.26 20.12
CA GLU A 80 23.01 2.70 20.38
C GLU A 80 21.64 3.24 20.79
N ASN A 81 20.57 2.79 20.12
CA ASN A 81 19.25 3.34 20.38
C ASN A 81 18.18 2.28 20.59
N ARG A 82 18.44 1.01 20.27
CA ARG A 82 17.38 0.02 20.42
C ARG A 82 17.68 -1.00 21.51
N LEU A 83 18.76 -1.76 21.35
CA LEU A 83 19.24 -2.70 22.37
C LEU A 83 18.13 -3.63 22.87
N CYS A 84 17.03 -3.77 22.14
CA CYS A 84 15.91 -4.61 22.56
C CYS A 84 15.24 -5.25 21.36
N PRO A 85 15.09 -6.57 21.35
CA PRO A 85 14.35 -7.26 20.28
C PRO A 85 12.87 -7.49 20.57
N MET A 86 12.31 -6.87 21.61
CA MET A 86 10.98 -7.23 22.08
C MET A 86 9.89 -6.78 21.11
N VAL A 87 10.18 -5.81 20.25
CA VAL A 87 9.11 -5.20 19.46
C VAL A 87 8.70 -6.15 18.34
N PRO A 88 7.42 -6.53 18.23
CA PRO A 88 6.99 -7.34 17.09
C PRO A 88 6.41 -6.47 15.99
N ASN A 89 6.52 -5.16 16.19
CA ASN A 89 6.08 -4.22 15.16
C ASN A 89 6.91 -4.38 13.89
N ARG A 90 8.17 -4.77 14.02
CA ARG A 90 8.98 -5.03 12.83
C ARG A 90 8.41 -6.20 12.05
N ALA A 91 8.04 -7.27 12.75
CA ALA A 91 7.43 -8.42 12.09
C ALA A 91 6.12 -8.04 11.43
N THR A 92 5.30 -7.25 12.10
CA THR A 92 4.02 -6.91 11.50
C THR A 92 4.21 -5.95 10.34
N TYR A 93 5.27 -5.16 10.35
CA TYR A 93 5.52 -4.28 9.22
C TYR A 93 5.94 -5.08 8.01
N ILE A 94 6.65 -6.11 8.24
CA ILE A 94 7.09 -6.95 7.13
C ILE A 94 5.93 -7.80 6.58
N ARG A 95 5.05 -8.27 7.45
CA ARG A 95 3.86 -8.96 6.96
C ARG A 95 2.96 -8.01 6.19
N TYR A 96 2.90 -6.75 6.59
CA TYR A 96 2.14 -5.77 5.80
C TYR A 96 2.76 -5.60 4.43
N ILE A 97 4.09 -5.59 4.36
CA ILE A 97 4.76 -5.53 3.06
C ILE A 97 4.38 -6.74 2.21
N HIS A 98 4.42 -7.92 2.84
CA HIS A 98 4.09 -9.15 2.11
C HIS A 98 2.66 -9.13 1.60
N ASP A 99 1.72 -8.69 2.43
CA ASP A 99 0.33 -8.67 2.01
C ASP A 99 0.07 -7.58 0.98
N LEU A 100 0.77 -6.45 1.09
CA LEU A 100 0.64 -5.39 0.12
C LEU A 100 1.20 -5.80 -1.23
N LEU A 101 2.18 -6.70 -1.25
CA LEU A 101 2.73 -7.19 -2.51
C LEU A 101 1.92 -8.35 -3.07
N SER A 102 1.54 -9.31 -2.23
CA SER A 102 0.81 -10.49 -2.67
C SER A 102 -0.64 -10.18 -2.98
N SER A 103 -1.18 -9.07 -2.50
CA SER A 103 -2.49 -8.61 -2.90
C SER A 103 -2.43 -7.70 -4.13
N THR A 104 -1.24 -7.46 -4.63
CA THR A 104 -1.08 -6.56 -5.79
C THR A 104 -0.04 -7.12 -6.78
N SER A 105 0.20 -8.43 -6.79
CA SER A 105 1.10 -9.01 -7.78
C SER A 105 0.37 -9.35 -9.06
N GLY A 106 -0.62 -10.24 -8.98
CA GLY A 106 -1.41 -10.61 -10.13
C GLY A 106 -0.75 -11.64 -11.02
N GLN A 107 -0.89 -11.48 -12.33
CA GLN A 107 -0.30 -12.41 -13.30
C GLN A 107 1.22 -12.36 -13.31
N LYS A 108 1.83 -11.36 -12.67
CA LYS A 108 3.28 -11.23 -12.68
C LYS A 108 3.92 -12.43 -12.00
N ASP A 109 5.07 -12.85 -12.51
CA ASP A 109 5.77 -14.02 -12.01
C ASP A 109 6.41 -13.71 -10.65
N LYS A 110 6.89 -14.78 -10.01
CA LYS A 110 7.58 -14.66 -8.71
C LYS A 110 9.03 -14.24 -8.97
N LYS A 111 9.17 -13.00 -9.43
CA LYS A 111 10.48 -12.47 -9.76
C LYS A 111 11.29 -12.18 -8.51
N ARG A 112 12.60 -12.00 -8.70
CA ARG A 112 13.45 -11.56 -7.61
C ARG A 112 13.01 -10.19 -7.12
N ILE A 113 12.72 -10.10 -5.82
CA ILE A 113 12.21 -8.87 -5.23
C ILE A 113 13.30 -8.26 -4.35
N ILE A 114 13.63 -7.00 -4.61
CA ILE A 114 14.67 -6.29 -3.90
C ILE A 114 14.01 -5.13 -3.16
N GLY A 115 14.39 -4.93 -1.89
CA GLY A 115 13.81 -3.90 -1.06
C GLY A 115 14.81 -2.82 -0.69
N LEU A 116 14.26 -1.72 -0.16
CA LEU A 116 15.06 -0.61 0.35
C LEU A 116 14.65 -0.32 1.78
N ASP A 117 15.64 -0.13 2.65
CA ASP A 117 15.40 0.19 4.05
C ASP A 117 16.11 1.50 4.37
N ILE A 118 15.42 2.60 4.12
CA ILE A 118 15.95 3.91 4.53
C ILE A 118 15.97 3.96 6.04
N GLY A 119 17.16 4.02 6.61
CA GLY A 119 17.30 3.92 8.04
C GLY A 119 17.42 2.48 8.46
N THR A 120 18.41 1.79 7.90
CA THR A 120 18.64 0.40 8.26
C THR A 120 19.05 0.26 9.73
N GLY A 121 19.83 1.21 10.24
CA GLY A 121 20.19 1.19 11.64
C GLY A 121 21.14 0.08 12.03
N ALA A 122 21.65 0.12 13.25
CA ALA A 122 22.59 -0.90 13.71
C ALA A 122 21.93 -2.25 13.95
N SER A 123 20.63 -2.38 13.71
CA SER A 123 19.93 -3.64 13.86
C SER A 123 19.55 -4.24 12.52
N CYS A 124 19.15 -3.41 11.56
CA CYS A 124 18.80 -3.84 10.22
C CYS A 124 17.74 -4.94 10.28
N ILE A 125 16.79 -4.78 11.20
CA ILE A 125 15.80 -5.83 11.43
C ILE A 125 14.92 -6.01 10.21
N TYR A 126 14.67 -4.92 9.47
CA TYR A 126 13.77 -4.98 8.34
C TYR A 126 14.30 -5.86 7.21
N PRO A 127 15.51 -5.65 6.67
CA PRO A 127 16.00 -6.60 5.65
C PRO A 127 16.16 -8.02 6.15
N LEU A 128 16.62 -8.20 7.39
CA LEU A 128 16.83 -9.54 7.91
C LEU A 128 15.53 -10.33 7.95
N LEU A 129 14.47 -9.72 8.48
CA LEU A 129 13.20 -10.44 8.53
C LEU A 129 12.38 -10.33 7.26
N GLY A 130 12.82 -9.54 6.28
CA GLY A 130 12.25 -9.66 4.96
C GLY A 130 12.92 -10.69 4.11
N CYS A 131 14.10 -11.15 4.54
CA CYS A 131 14.76 -12.29 3.91
C CYS A 131 14.40 -13.61 4.56
N ARG A 132 14.49 -13.70 5.89
CA ARG A 132 14.19 -14.96 6.55
C ARG A 132 12.73 -15.37 6.45
N MET A 133 11.85 -14.45 6.05
CA MET A 133 10.42 -14.73 6.03
C MET A 133 9.85 -14.92 4.64
N TYR A 134 10.39 -14.24 3.63
CA TYR A 134 9.83 -14.37 2.29
C TYR A 134 10.89 -14.38 1.21
N SER A 135 12.17 -14.43 1.56
CA SER A 135 13.28 -14.39 0.63
C SER A 135 13.18 -13.20 -0.33
N TYR A 136 13.19 -12.00 0.26
CA TYR A 136 13.36 -10.77 -0.49
C TYR A 136 14.84 -10.41 -0.51
N ASP A 137 15.19 -9.44 -1.36
CA ASP A 137 16.51 -8.83 -1.32
C ASP A 137 16.36 -7.40 -0.80
N PHE A 138 17.46 -6.82 -0.34
CA PHE A 138 17.36 -5.55 0.37
C PHE A 138 18.61 -4.71 0.16
N VAL A 139 18.42 -3.40 0.26
CA VAL A 139 19.50 -2.41 0.25
C VAL A 139 19.28 -1.48 1.43
N GLY A 140 20.28 -1.37 2.31
CA GLY A 140 20.15 -0.56 3.50
C GLY A 140 20.96 0.72 3.43
N THR A 141 20.28 1.86 3.46
CA THR A 141 20.92 3.17 3.41
C THR A 141 21.01 3.73 4.82
N GLU A 142 22.22 3.96 5.28
CA GLU A 142 22.43 4.48 6.64
C GLU A 142 23.12 5.84 6.58
N ILE A 143 23.12 6.57 7.68
CA ILE A 143 23.64 7.92 7.77
C ILE A 143 24.87 7.95 8.67
N ASP A 144 24.96 6.99 9.58
CA ASP A 144 25.96 7.00 10.64
C ASP A 144 27.02 5.94 10.36
N LYS A 145 28.28 6.27 10.66
CA LYS A 145 29.38 5.35 10.40
C LYS A 145 29.26 4.10 11.27
N PHE A 146 28.99 4.29 12.56
CA PHE A 146 28.85 3.15 13.46
C PHE A 146 27.71 2.24 13.02
N SER A 147 26.58 2.83 12.64
CA SER A 147 25.43 2.02 12.26
C SER A 147 25.70 1.25 10.97
N PHE A 148 26.39 1.88 10.01
CA PHE A 148 26.76 1.19 8.78
C PHE A 148 27.68 0.00 9.06
N GLU A 149 28.70 0.22 9.90
CA GLU A 149 29.60 -0.88 10.24
C GLU A 149 28.85 -2.00 10.94
N THR A 150 27.96 -1.65 11.87
CA THR A 150 27.25 -2.67 12.61
C THR A 150 26.29 -3.44 11.72
N ALA A 151 25.66 -2.76 10.75
CA ALA A 151 24.83 -3.46 9.79
C ALA A 151 25.65 -4.43 8.95
N LYS A 152 26.85 -4.01 8.53
CA LYS A 152 27.71 -4.91 7.77
C LYS A 152 28.05 -6.15 8.58
N SER A 153 28.39 -5.98 9.85
CA SER A 153 28.68 -7.13 10.69
C SER A 153 27.46 -8.03 10.83
N ASN A 154 26.30 -7.43 11.05
CA ASN A 154 25.08 -8.21 11.25
C ASN A 154 24.75 -9.06 10.03
N ILE A 155 24.91 -8.49 8.84
CA ILE A 155 24.62 -9.26 7.63
C ILE A 155 25.75 -10.26 7.36
N LEU A 156 26.98 -9.96 7.77
CA LEU A 156 28.07 -10.91 7.59
C LEU A 156 27.86 -12.18 8.42
N GLN A 157 27.39 -12.06 9.64
CA GLN A 157 27.07 -13.25 10.41
C GLN A 157 25.65 -13.72 10.18
N ASN A 158 25.02 -13.28 9.09
CA ASN A 158 23.69 -13.75 8.73
C ASN A 158 23.64 -14.41 7.35
N ASN A 159 24.73 -14.36 6.60
CA ASN A 159 24.89 -15.08 5.35
C ASN A 159 24.01 -14.56 4.21
N MET A 160 23.35 -13.42 4.40
CA MET A 160 22.70 -12.73 3.29
C MET A 160 23.62 -11.71 2.61
N GLU A 161 24.94 -11.95 2.64
CA GLU A 161 25.86 -11.11 1.88
C GLU A 161 25.45 -11.00 0.43
N SER A 162 24.95 -12.08 -0.14
CA SER A 162 24.53 -12.08 -1.54
C SER A 162 23.12 -11.57 -1.74
N GLN A 163 22.36 -11.37 -0.66
CA GLN A 163 20.98 -10.91 -0.74
C GLN A 163 20.81 -9.46 -0.33
N ILE A 164 21.52 -9.01 0.70
CA ILE A 164 21.37 -7.65 1.23
C ILE A 164 22.65 -6.86 0.95
N LYS A 165 22.50 -5.56 0.73
CA LYS A 165 23.59 -4.63 0.59
C LYS A 165 23.36 -3.44 1.51
N ILE A 166 24.44 -2.78 1.91
CA ILE A 166 24.39 -1.65 2.82
C ILE A 166 25.20 -0.51 2.23
N VAL A 167 24.69 0.72 2.39
CA VAL A 167 25.29 1.91 1.83
C VAL A 167 25.40 2.97 2.92
N LEU A 168 26.57 3.58 3.05
CA LEU A 168 26.77 4.73 3.93
C LEU A 168 26.64 6.00 3.11
N ARG A 169 25.85 6.95 3.62
CA ARG A 169 25.57 8.19 2.91
C ARG A 169 25.79 9.35 3.85
N SER A 170 26.05 10.52 3.26
CA SER A 170 26.19 11.73 4.06
C SER A 170 24.82 12.34 4.33
N LYS A 171 24.79 13.32 5.23
CA LYS A 171 23.52 13.91 5.65
C LYS A 171 22.79 14.59 4.51
N GLN A 172 23.48 14.87 3.41
CA GLN A 172 22.93 15.62 2.30
C GLN A 172 22.50 14.76 1.12
N ASP A 173 22.85 13.47 1.11
CA ASP A 173 22.57 12.63 -0.03
C ASP A 173 21.07 12.42 -0.19
N CYS A 174 20.65 12.18 -1.42
CA CYS A 174 19.28 11.75 -1.67
C CYS A 174 19.03 10.41 -0.99
N LEU A 175 17.85 10.24 -0.42
CA LEU A 175 17.57 9.06 0.38
C LEU A 175 17.41 7.80 -0.47
N LEU A 176 17.13 7.95 -1.76
CA LEU A 176 16.93 6.81 -2.65
C LEU A 176 18.19 6.52 -3.43
N PRO A 177 18.92 5.46 -3.13
CA PRO A 177 20.16 5.18 -3.86
C PRO A 177 19.91 4.74 -5.29
N ASP A 178 20.95 4.91 -6.11
CA ASP A 178 20.89 4.47 -7.49
C ASP A 178 20.85 2.94 -7.55
N THR A 179 20.14 2.42 -8.55
CA THR A 179 19.99 0.98 -8.68
C THR A 179 21.31 0.27 -8.92
N GLU A 180 22.30 0.97 -9.48
CA GLU A 180 23.63 0.42 -9.74
C GLU A 180 23.56 -0.82 -10.61
N GLY A 181 22.77 -0.77 -11.67
CA GLY A 181 22.73 -1.79 -12.68
C GLY A 181 21.77 -2.93 -12.43
N MET A 182 21.30 -3.10 -11.20
CA MET A 182 20.34 -4.15 -10.89
C MET A 182 18.94 -3.69 -11.31
N GLU A 183 17.93 -4.44 -10.89
CA GLU A 183 16.56 -4.04 -11.17
C GLU A 183 16.08 -3.06 -10.12
N GLU A 184 15.09 -2.24 -10.50
CA GLU A 184 14.52 -1.27 -9.57
C GLU A 184 13.89 -1.98 -8.39
N PHE A 185 13.96 -1.35 -7.23
CA PHE A 185 13.37 -1.94 -6.03
C PHE A 185 11.88 -2.15 -6.20
N THR A 186 11.36 -3.21 -5.60
CA THR A 186 9.93 -3.43 -5.59
C THR A 186 9.25 -2.52 -4.57
N PHE A 187 9.90 -2.26 -3.44
CA PHE A 187 9.32 -1.45 -2.39
C PHE A 187 10.38 -0.68 -1.65
N VAL A 188 9.98 0.47 -1.10
CA VAL A 188 10.81 1.32 -0.25
C VAL A 188 10.13 1.46 1.10
N MET A 189 10.88 1.27 2.17
CA MET A 189 10.28 1.25 3.50
C MET A 189 11.24 1.84 4.51
N CYS A 190 10.70 2.66 5.41
CA CYS A 190 11.52 3.50 6.28
C CYS A 190 10.88 3.56 7.66
N ASN A 191 11.57 4.29 8.55
CA ASN A 191 11.07 4.53 9.91
C ASN A 191 11.68 5.85 10.37
N PRO A 192 11.10 6.98 9.95
CA PRO A 192 11.81 8.26 9.99
C PRO A 192 12.13 8.71 11.39
N PRO A 193 13.18 9.51 11.56
CA PRO A 193 13.47 10.10 12.87
C PRO A 193 12.36 11.05 13.29
N PHE A 194 12.18 11.16 14.60
CA PHE A 194 10.96 11.70 15.16
C PHE A 194 11.24 12.67 16.31
N TYR A 195 12.20 13.58 16.10
CA TYR A 195 12.41 14.70 17.00
C TYR A 195 12.84 15.92 16.20
N GLU A 196 12.91 17.06 16.87
CA GLU A 196 13.34 18.28 16.21
C GLU A 196 14.50 18.96 16.92
N HIS A 197 14.52 18.97 18.25
CA HIS A 197 15.59 19.66 18.99
C HIS A 197 15.91 18.87 20.25
N GLU A 198 17.16 18.99 20.71
CA GLU A 198 17.57 18.34 21.94
C GLU A 198 16.85 18.94 23.15
N GLU A 199 16.55 20.24 23.10
CA GLU A 199 15.73 20.83 24.14
C GLU A 199 14.34 20.19 24.16
N ASP A 200 13.76 19.92 22.99
CA ASP A 200 12.49 19.21 22.93
C ASP A 200 12.65 17.75 23.34
N PHE A 201 13.78 17.14 22.98
CA PHE A 201 14.15 15.83 23.52
C PHE A 201 13.94 15.78 25.03
N ILE A 202 14.64 16.68 25.73
CA ILE A 202 14.59 16.69 27.19
C ILE A 202 13.21 17.08 27.70
N ASN A 203 12.57 18.04 27.03
CA ASN A 203 11.25 18.49 27.48
C ASN A 203 10.24 17.37 27.44
N PHE A 204 10.24 16.56 26.38
CA PHE A 204 9.28 15.47 26.34
C PHE A 204 9.77 14.26 27.12
N LYS A 205 10.81 13.58 26.63
CA LYS A 205 11.34 12.40 27.32
C LYS A 205 12.78 12.19 26.87
N GLN A 206 13.73 12.72 27.63
CA GLN A 206 15.13 12.32 27.49
C GLN A 206 15.50 11.35 28.61
N ASN A 207 14.88 10.18 28.58
CA ASN A 207 15.30 9.12 29.48
C ASN A 207 16.72 8.69 29.12
N PRO A 208 17.54 8.29 30.10
CA PRO A 208 18.94 7.95 29.81
C PRO A 208 19.04 6.87 28.76
N PRO A 209 19.60 7.19 27.58
CA PRO A 209 19.70 6.26 26.45
C PRO A 209 20.87 5.29 26.59
N HIS A 218 23.33 11.99 15.11
CA HIS A 218 22.14 12.28 14.32
C HIS A 218 21.33 11.03 14.05
N GLU A 219 20.95 10.33 15.12
CA GLU A 219 20.12 9.13 15.02
C GLU A 219 18.64 9.46 15.16
N MET A 220 18.28 10.32 16.11
CA MET A 220 16.90 10.64 16.39
C MET A 220 16.59 12.12 16.14
N VAL A 221 17.37 12.78 15.29
CA VAL A 221 17.23 14.21 15.04
C VAL A 221 17.04 14.43 13.54
N THR A 222 16.06 15.25 13.18
CA THR A 222 15.93 15.73 11.82
C THR A 222 15.20 17.05 11.82
N GLU A 223 15.34 17.79 10.73
CA GLU A 223 14.73 19.12 10.61
C GLU A 223 13.29 18.95 10.13
N GLY A 224 12.38 18.86 11.09
CA GLY A 224 10.97 18.74 10.82
C GLY A 224 10.30 17.54 11.45
N GLY A 225 11.06 16.50 11.78
CA GLY A 225 10.48 15.33 12.38
C GLY A 225 10.10 14.28 11.36
N GLU A 226 9.24 13.36 11.80
CA GLU A 226 8.73 12.32 10.93
C GLU A 226 7.86 12.87 9.82
N VAL A 227 7.47 14.14 9.89
CA VAL A 227 6.80 14.77 8.78
C VAL A 227 7.80 15.35 7.78
N GLY A 228 8.88 15.96 8.28
CA GLY A 228 9.90 16.46 7.36
C GLY A 228 10.62 15.37 6.60
N PHE A 229 10.96 14.28 7.29
CA PHE A 229 11.57 13.15 6.61
C PHE A 229 10.64 12.55 5.57
N ALA A 230 9.36 12.42 5.92
CA ALA A 230 8.37 11.94 4.97
C ALA A 230 8.22 12.90 3.80
N ASN A 231 8.36 14.21 4.04
CA ASN A 231 8.32 15.16 2.94
C ASN A 231 9.49 14.97 2.00
N LYS A 232 10.68 14.73 2.56
CA LYS A 232 11.83 14.44 1.71
C LYS A 232 11.59 13.21 0.86
N ILE A 233 11.10 12.14 1.49
CA ILE A 233 10.85 10.88 0.76
C ILE A 233 9.80 11.10 -0.33
N LEU A 234 8.74 11.84 -0.01
CA LEU A 234 7.71 12.12 -0.99
C LEU A 234 8.29 12.93 -2.15
N THR A 235 9.15 13.90 -1.86
CA THR A 235 9.74 14.73 -2.91
C THR A 235 10.61 13.91 -3.84
N GLU A 236 11.43 13.01 -3.28
CA GLU A 236 12.29 12.19 -4.13
C GLU A 236 11.54 11.06 -4.81
N SER A 237 10.33 10.73 -4.35
CA SER A 237 9.55 9.67 -4.97
C SER A 237 8.88 10.09 -6.26
N LYS A 238 9.02 11.35 -6.68
CA LYS A 238 8.60 11.72 -8.03
C LYS A 238 9.56 11.18 -9.08
N LYS A 239 10.86 11.10 -8.76
CA LYS A 239 11.88 10.77 -9.74
C LYS A 239 12.17 9.29 -9.83
N ARG A 240 11.64 8.47 -8.92
CA ARG A 240 11.76 7.02 -9.00
C ARG A 240 10.35 6.45 -8.82
N LYS A 241 9.60 6.38 -9.91
CA LYS A 241 8.25 5.84 -9.89
C LYS A 241 8.19 4.35 -10.21
N GLY A 242 9.31 3.76 -10.62
CA GLY A 242 9.32 2.33 -10.87
C GLY A 242 9.11 1.52 -9.61
N ILE A 243 9.65 1.99 -8.49
CA ILE A 243 9.39 1.36 -7.22
C ILE A 243 7.90 1.38 -6.96
N GLN A 244 7.30 0.20 -6.84
CA GLN A 244 5.84 0.12 -6.77
C GLN A 244 5.32 0.69 -5.45
N TRP A 245 5.72 0.11 -4.33
CA TRP A 245 5.13 0.43 -3.03
C TRP A 245 6.12 1.20 -2.18
N TYR A 246 5.87 2.50 -2.01
CA TYR A 246 6.56 3.30 -1.02
C TYR A 246 5.78 3.24 0.29
N THR A 247 6.48 3.04 1.39
CA THR A 247 5.84 2.99 2.69
C THR A 247 6.60 3.89 3.66
N CYS A 248 5.89 4.36 4.68
CA CYS A 248 6.49 5.14 5.75
C CYS A 248 5.70 4.91 7.02
N MET A 249 6.39 4.90 8.14
CA MET A 249 5.80 4.62 9.44
C MET A 249 5.78 5.88 10.28
N PHE A 250 4.64 6.16 10.90
CA PHE A 250 4.41 7.40 11.62
C PHE A 250 4.03 7.09 13.06
N GLY A 251 4.58 7.87 13.99
CA GLY A 251 4.41 7.57 15.40
C GLY A 251 3.54 8.54 16.18
N LYS A 252 2.98 9.52 15.50
CA LYS A 252 2.10 10.52 16.12
C LYS A 252 0.89 10.71 15.23
N LYS A 253 -0.30 10.67 15.82
CA LYS A 253 -1.52 10.78 15.02
C LYS A 253 -1.59 12.11 14.30
N SER A 254 -1.05 13.17 14.90
CA SER A 254 -1.06 14.47 14.25
C SER A 254 -0.26 14.48 12.96
N SER A 255 0.65 13.53 12.79
CA SER A 255 1.42 13.42 11.55
C SER A 255 0.52 13.06 10.38
N VAL A 256 -0.42 12.15 10.60
CA VAL A 256 -1.25 11.65 9.49
C VAL A 256 -2.00 12.77 8.77
N PRO A 257 -2.65 13.71 9.46
CA PRO A 257 -3.20 14.86 8.73
C PRO A 257 -2.22 15.53 7.78
N ALA A 258 -1.03 15.90 8.25
CA ALA A 258 -0.11 16.68 7.42
C ALA A 258 0.38 15.89 6.20
N VAL A 259 0.87 14.67 6.43
CA VAL A 259 1.45 13.89 5.35
C VAL A 259 0.37 13.44 4.37
N VAL A 260 -0.80 13.07 4.88
CA VAL A 260 -1.90 12.72 3.99
C VAL A 260 -2.35 13.94 3.21
N ASP A 261 -2.30 15.13 3.82
CA ASP A 261 -2.66 16.33 3.10
C ASP A 261 -1.69 16.62 1.96
N LYS A 262 -0.39 16.41 2.21
CA LYS A 262 0.58 16.58 1.14
C LYS A 262 0.42 15.51 0.06
N LEU A 263 0.06 14.29 0.44
CA LEU A 263 -0.21 13.26 -0.55
C LEU A 263 -1.39 13.66 -1.42
N ARG A 264 -2.43 14.21 -0.81
CA ARG A 264 -3.57 14.66 -1.60
C ARG A 264 -3.23 15.90 -2.43
N GLU A 265 -2.26 16.70 -1.98
CA GLU A 265 -1.79 17.82 -2.79
C GLU A 265 -1.10 17.32 -4.05
N GLN A 266 -0.31 16.25 -3.93
CA GLN A 266 0.40 15.68 -5.07
C GLN A 266 -0.44 14.68 -5.85
N ASN A 267 -1.69 14.48 -5.45
CA ASN A 267 -2.65 13.67 -6.20
C ASN A 267 -2.23 12.21 -6.27
N ILE A 268 -1.78 11.67 -5.14
CA ILE A 268 -1.49 10.25 -5.02
C ILE A 268 -2.77 9.57 -4.56
N SER A 269 -3.51 9.00 -5.50
CA SER A 269 -4.78 8.36 -5.18
C SER A 269 -4.58 7.05 -4.43
N ASN A 270 -3.65 6.22 -4.89
CA ASN A 270 -3.46 4.88 -4.35
C ASN A 270 -2.50 4.96 -3.17
N TYR A 271 -3.07 5.22 -1.99
CA TYR A 271 -2.31 5.17 -0.76
C TYR A 271 -3.10 4.38 0.27
N GLY A 272 -2.59 4.32 1.48
CA GLY A 272 -3.32 3.60 2.51
C GLY A 272 -2.81 3.86 3.91
N ILE A 273 -3.69 3.72 4.88
CA ILE A 273 -3.32 3.81 6.30
C ILE A 273 -3.63 2.47 6.93
N TYR A 274 -2.66 1.93 7.65
CA TYR A 274 -2.81 0.67 8.36
C TYR A 274 -2.53 0.94 9.83
N GLU A 275 -3.55 0.76 10.66
CA GLU A 275 -3.44 1.02 12.08
C GLU A 275 -2.98 -0.24 12.80
N LEU A 276 -1.90 -0.13 13.56
CA LEU A 276 -1.37 -1.26 14.29
C LEU A 276 -1.88 -1.21 15.73
N ALA A 277 -1.34 -2.06 16.59
CA ALA A 277 -1.74 -2.07 17.99
C ALA A 277 -0.70 -2.85 18.78
N LEU A 278 -0.19 -2.25 19.85
CA LEU A 278 0.78 -2.90 20.74
C LEU A 278 0.48 -2.38 22.15
N GLY A 279 -0.32 -3.13 22.89
CA GLY A 279 -0.75 -2.66 24.19
C GLY A 279 -1.60 -1.42 24.04
N LYS A 280 -1.03 -0.25 24.37
CA LYS A 280 -1.72 1.01 24.17
C LYS A 280 -1.20 1.80 22.97
N THR A 281 0.01 1.52 22.51
CA THR A 281 0.63 2.27 21.42
C THR A 281 -0.03 1.95 20.09
N LYS A 282 -0.08 2.96 19.21
CA LYS A 282 -0.60 2.80 17.87
C LYS A 282 0.39 3.38 16.87
N ARG A 283 0.31 2.91 15.62
CA ARG A 283 1.22 3.34 14.57
C ARG A 283 0.43 3.47 13.28
N TRP A 284 1.01 4.15 12.30
CA TRP A 284 0.30 4.43 11.06
C TRP A 284 1.27 4.23 9.90
N ILE A 285 1.04 3.20 9.10
CA ILE A 285 1.85 2.91 7.92
C ILE A 285 1.14 3.55 6.75
N ILE A 286 1.57 4.76 6.38
CA ILE A 286 0.99 5.45 5.24
C ILE A 286 1.82 5.06 4.03
N CYS A 287 1.40 3.99 3.38
CA CYS A 287 1.99 3.53 2.13
C CYS A 287 1.36 4.27 0.97
N TRP A 288 2.15 4.50 -0.08
CA TRP A 288 1.62 5.10 -1.29
C TRP A 288 2.35 4.53 -2.50
N SER A 289 1.62 4.40 -3.60
CA SER A 289 2.14 3.85 -4.83
C SER A 289 1.70 4.73 -5.99
N PHE A 290 2.48 4.67 -7.07
CA PHE A 290 2.15 5.36 -8.31
C PHE A 290 1.62 4.39 -9.37
N GLN A 291 1.25 3.19 -8.97
CA GLN A 291 0.82 2.14 -9.89
C GLN A 291 -0.63 1.75 -9.62
N ALA A 292 -1.18 0.97 -10.56
CA ALA A 292 -2.62 0.71 -10.60
C ALA A 292 -3.09 -0.26 -9.52
N MET A 293 -2.27 -1.22 -9.13
CA MET A 293 -2.72 -2.28 -8.23
C MET A 293 -3.20 -1.73 -6.90
N ARG A 294 -4.42 -2.09 -6.52
CA ARG A 294 -5.03 -1.68 -5.26
C ARG A 294 -5.09 -2.86 -4.31
N PRO A 295 -4.61 -2.72 -3.09
CA PRO A 295 -4.66 -3.84 -2.15
C PRO A 295 -6.03 -3.99 -1.50
N HIS A 296 -6.11 -4.89 -0.52
CA HIS A 296 -7.35 -5.16 0.18
C HIS A 296 -7.74 -3.97 1.07
N ASN A 297 -9.01 -3.94 1.47
CA ASN A 297 -9.45 -2.88 2.38
C ASN A 297 -8.77 -2.98 3.73
N GLU A 298 -8.56 -4.20 4.23
CA GLU A 298 -8.03 -4.37 5.57
C GLU A 298 -6.61 -3.85 5.67
N LEU A 299 -6.07 -3.39 4.54
CA LEU A 299 -4.71 -2.88 4.49
C LEU A 299 -4.62 -1.40 4.17
N ILE A 300 -5.72 -0.75 3.78
CA ILE A 300 -5.65 0.67 3.46
C ILE A 300 -6.65 1.51 4.27
N ARG A 301 -7.75 0.90 4.70
CA ARG A 301 -8.77 1.61 5.46
C ARG A 301 -8.93 0.99 6.84
N PRO A 302 -8.41 1.60 7.89
CA PRO A 302 -8.58 1.04 9.23
C PRO A 302 -10.04 1.07 9.65
N SER A 303 -10.39 0.11 10.52
CA SER A 303 -11.78 -0.04 10.93
C SER A 303 -12.27 1.19 11.67
N SER A 304 -11.49 1.67 12.64
CA SER A 304 -11.89 2.83 13.42
C SER A 304 -12.00 4.06 12.56
N THR A 305 -13.08 4.82 12.74
CA THR A 305 -13.37 5.99 11.92
C THR A 305 -12.83 7.28 12.53
N SER A 306 -11.82 7.21 13.39
CA SER A 306 -11.25 8.41 13.98
C SER A 306 -10.65 9.32 12.92
N LEU A 307 -9.89 8.76 11.99
CA LEU A 307 -9.29 9.49 10.89
C LEU A 307 -10.10 9.33 9.61
N SER A 308 -11.43 9.29 9.74
CA SER A 308 -12.28 9.00 8.60
C SER A 308 -12.12 10.00 7.47
N LYS A 309 -11.67 11.22 7.78
CA LYS A 309 -11.44 12.19 6.73
C LYS A 309 -10.19 11.91 5.92
N TYR A 310 -9.32 11.01 6.40
CA TYR A 310 -8.04 10.74 5.77
C TYR A 310 -7.97 9.36 5.14
N PHE A 311 -9.08 8.61 5.14
CA PHE A 311 -9.07 7.28 4.55
C PHE A 311 -8.94 7.36 3.03
N PRO A 312 -8.27 6.39 2.42
CA PRO A 312 -8.31 6.30 0.96
C PRO A 312 -9.66 5.84 0.47
N HIS A 313 -9.81 5.69 -0.84
CA HIS A 313 -11.08 5.28 -1.39
C HIS A 313 -11.38 3.83 -1.03
N LYS A 314 -12.64 3.43 -1.22
CA LYS A 314 -13.08 2.10 -0.89
C LYS A 314 -12.75 1.13 -2.02
N VAL A 315 -12.46 -0.12 -1.65
CA VAL A 315 -11.99 -1.13 -2.58
C VAL A 315 -12.96 -2.31 -2.61
N LEU A 316 -13.66 -2.55 -1.50
CA LEU A 316 -14.57 -3.68 -1.38
C LEU A 316 -15.93 -3.19 -0.90
N GLN A 317 -16.99 -3.60 -1.61
CA GLN A 317 -18.37 -3.27 -1.25
C GLN A 317 -19.16 -4.57 -1.19
N ASN A 318 -19.49 -5.02 0.02
CA ASN A 318 -20.11 -6.31 0.26
C ASN A 318 -21.61 -6.15 0.47
N TRP A 319 -22.36 -7.14 -0.02
CA TRP A 319 -23.81 -7.20 0.12
C TRP A 319 -24.19 -8.50 0.82
N THR A 320 -25.38 -8.52 1.43
CA THR A 320 -25.93 -9.71 2.05
C THR A 320 -27.08 -10.22 1.21
N LEU A 321 -27.19 -11.55 1.09
CA LEU A 321 -28.16 -12.14 0.19
C LEU A 321 -29.24 -12.88 0.98
N ASP A 322 -30.26 -13.33 0.24
CA ASP A 322 -31.38 -14.10 0.76
C ASP A 322 -31.58 -15.32 -0.13
N PRO A 323 -32.26 -16.36 0.37
CA PRO A 323 -32.20 -17.67 -0.32
C PRO A 323 -32.58 -17.67 -1.79
N GLU A 324 -33.56 -16.89 -2.23
CA GLU A 324 -33.86 -16.88 -3.67
C GLU A 324 -32.71 -16.29 -4.48
N LEU A 325 -32.10 -15.21 -4.00
CA LEU A 325 -30.86 -14.75 -4.62
C LEU A 325 -29.72 -15.74 -4.41
N CYS A 326 -29.62 -16.32 -3.22
CA CYS A 326 -28.56 -17.30 -2.99
C CYS A 326 -28.75 -18.56 -3.82
N ALA A 327 -29.85 -18.64 -4.57
CA ALA A 327 -30.01 -19.66 -5.59
C ALA A 327 -29.73 -19.10 -6.99
N GLN A 328 -30.33 -17.97 -7.33
CA GLN A 328 -30.23 -17.42 -8.68
C GLN A 328 -29.02 -16.51 -8.88
N ILE A 329 -28.04 -16.55 -7.96
CA ILE A 329 -26.92 -15.60 -8.02
C ILE A 329 -26.12 -15.75 -9.30
N ASP A 330 -25.83 -16.98 -9.71
CA ASP A 330 -25.04 -17.18 -10.91
C ASP A 330 -25.75 -16.64 -12.14
N ASP A 331 -27.04 -16.93 -12.27
CA ASP A 331 -27.79 -16.45 -13.43
C ASP A 331 -27.90 -14.94 -13.44
N ILE A 332 -28.12 -14.33 -12.27
CA ILE A 332 -28.23 -12.88 -12.18
C ILE A 332 -26.91 -12.22 -12.56
N LEU A 333 -25.79 -12.76 -12.05
CA LEU A 333 -24.49 -12.20 -12.41
C LEU A 333 -24.22 -12.37 -13.91
N GLN A 334 -24.59 -13.53 -14.47
CA GLN A 334 -24.43 -13.73 -15.90
C GLN A 334 -25.19 -12.69 -16.70
N LYS A 335 -26.47 -12.51 -16.38
CA LYS A 335 -27.29 -11.58 -17.17
C LYS A 335 -26.82 -10.15 -16.99
N PHE A 336 -26.38 -9.79 -15.78
CA PHE A 336 -25.84 -8.47 -15.55
C PHE A 336 -24.60 -8.22 -16.38
N LEU A 337 -23.63 -9.13 -16.29
CA LEU A 337 -22.34 -8.89 -16.92
C LEU A 337 -22.38 -9.12 -18.43
N ASP A 338 -23.44 -9.76 -18.94
CA ASP A 338 -23.52 -9.97 -20.38
C ASP A 338 -24.42 -8.95 -21.05
N ASP A 339 -25.45 -8.44 -20.36
CA ASP A 339 -26.35 -7.49 -20.98
C ASP A 339 -25.76 -6.09 -21.08
N ASN A 340 -24.69 -5.81 -20.34
CA ASN A 340 -24.11 -4.47 -20.26
C ASN A 340 -22.87 -4.31 -21.13
N LYS A 341 -22.57 -5.28 -22.00
CA LYS A 341 -21.38 -5.24 -22.84
C LYS A 341 -20.11 -5.14 -22.00
N ILE A 342 -20.05 -5.97 -20.96
CA ILE A 342 -18.98 -5.91 -19.97
C ILE A 342 -18.07 -7.12 -20.17
N PRO A 343 -16.79 -6.91 -20.52
CA PRO A 343 -15.88 -8.05 -20.65
C PRO A 343 -15.70 -8.76 -19.32
N TRP A 344 -15.59 -10.09 -19.37
CA TRP A 344 -15.48 -10.88 -18.17
C TRP A 344 -15.01 -12.28 -18.54
N SER A 345 -14.59 -13.03 -17.52
CA SER A 345 -14.22 -14.43 -17.66
C SER A 345 -14.04 -15.01 -16.27
N LYS A 346 -14.33 -16.30 -16.15
CA LYS A 346 -14.39 -16.96 -14.86
C LYS A 346 -12.98 -17.42 -14.49
N LYS A 347 -12.72 -17.58 -13.20
CA LYS A 347 -11.38 -17.93 -12.73
C LYS A 347 -11.43 -19.02 -11.67
N GLY A 348 -12.24 -20.05 -11.92
CA GLY A 348 -12.31 -21.16 -11.00
C GLY A 348 -13.42 -20.99 -9.98
N SER A 349 -13.06 -20.53 -8.79
CA SER A 349 -14.04 -20.22 -7.75
C SER A 349 -14.30 -18.72 -7.62
N VAL A 350 -13.71 -17.91 -8.50
CA VAL A 350 -13.85 -16.45 -8.45
C VAL A 350 -14.21 -15.95 -9.84
N LEU A 351 -15.17 -15.03 -9.91
CA LEU A 351 -15.58 -14.43 -11.17
C LEU A 351 -14.88 -13.11 -11.36
N GLU A 352 -14.39 -12.86 -12.57
CA GLU A 352 -13.54 -11.71 -12.86
C GLU A 352 -14.21 -10.74 -13.82
N ILE A 353 -13.45 -9.70 -14.19
CA ILE A 353 -13.91 -8.66 -15.09
C ILE A 353 -12.67 -7.94 -15.56
N SER A 354 -12.77 -7.33 -16.74
CA SER A 354 -11.64 -6.59 -17.30
C SER A 354 -12.22 -5.46 -18.15
N THR A 355 -12.34 -4.28 -17.57
CA THR A 355 -13.05 -3.17 -18.18
C THR A 355 -12.06 -2.13 -18.66
N LYS A 356 -12.20 -1.73 -19.92
CA LYS A 356 -11.42 -0.64 -20.49
C LYS A 356 -12.23 0.63 -20.65
N SER A 357 -13.51 0.62 -20.29
CA SER A 357 -14.37 1.79 -20.35
C SER A 357 -15.68 1.46 -19.68
N ILE A 358 -16.22 2.42 -18.93
CA ILE A 358 -17.49 2.23 -18.24
C ILE A 358 -18.57 1.98 -19.28
N THR A 359 -19.16 0.78 -19.26
CA THR A 359 -20.23 0.42 -20.19
C THR A 359 -21.52 0.05 -19.46
N TRP A 360 -21.64 0.41 -18.19
CA TRP A 360 -22.86 0.19 -17.42
C TRP A 360 -23.55 1.47 -16.97
N SER A 361 -22.85 2.60 -16.96
CA SER A 361 -23.46 3.86 -16.60
C SER A 361 -24.47 4.28 -17.64
N ARG A 362 -25.37 5.18 -17.24
CA ARG A 362 -26.34 5.71 -18.20
C ARG A 362 -25.63 6.50 -19.28
N LYS A 363 -24.56 7.20 -18.91
CA LYS A 363 -23.77 7.96 -19.87
C LYS A 363 -23.22 7.04 -20.95
N ALA A 364 -22.84 5.81 -20.58
CA ALA A 364 -22.32 4.86 -21.56
C ALA A 364 -23.35 4.57 -22.65
N ARG A 365 -24.56 4.23 -22.26
CA ARG A 365 -25.58 3.88 -23.27
C ARG A 365 -26.02 5.13 -24.01
N ARG A 366 -26.02 6.30 -23.39
CA ARG A 366 -26.38 7.51 -24.13
C ARG A 366 -25.32 7.85 -25.17
N ILE A 367 -24.04 7.75 -24.80
CA ILE A 367 -22.97 8.09 -25.73
C ILE A 367 -22.90 7.08 -26.86
N SER A 368 -23.16 5.80 -26.57
CA SER A 368 -23.22 4.82 -27.64
C SER A 368 -24.40 5.06 -28.56
N LYS A 369 -25.51 5.57 -28.02
CA LYS A 369 -26.71 5.82 -28.81
C LYS A 369 -26.76 7.23 -29.41
N SER A 370 -25.83 8.10 -29.04
CA SER A 370 -25.77 9.46 -29.57
C SER A 370 -24.49 9.63 -30.36
N GLN A 371 -24.60 10.22 -31.55
CA GLN A 371 -23.46 10.39 -32.46
C GLN A 371 -22.51 11.41 -31.86
N THR A 372 -21.43 10.93 -31.25
CA THR A 372 -20.43 11.78 -30.61
C THR A 372 -19.05 11.23 -30.95
N SER A 373 -18.05 12.12 -30.96
CA SER A 373 -16.69 11.73 -31.32
C SER A 373 -16.15 10.68 -30.35
N VAL A 374 -16.37 10.88 -29.05
CA VAL A 374 -15.89 9.93 -28.05
C VAL A 374 -16.81 8.71 -28.06
N SER A 375 -16.21 7.53 -28.02
CA SER A 375 -16.96 6.27 -28.03
C SER A 375 -16.80 5.46 -26.76
N SER A 376 -16.09 5.98 -25.76
CA SER A 376 -15.86 5.22 -24.54
C SER A 376 -15.58 6.18 -23.39
N LEU A 377 -16.16 5.87 -22.23
CA LEU A 377 -15.88 6.60 -21.00
C LEU A 377 -14.66 5.98 -20.36
N GLU A 378 -13.55 6.71 -20.38
CA GLU A 378 -12.26 6.13 -20.01
C GLU A 378 -12.25 5.71 -18.54
N GLY A 379 -11.20 4.99 -18.18
CA GLY A 379 -11.06 4.47 -16.84
C GLY A 379 -11.06 2.96 -16.79
N GLN A 380 -9.88 2.38 -16.63
CA GLN A 380 -9.74 0.93 -16.57
C GLN A 380 -10.20 0.41 -15.23
N MET A 381 -10.40 -0.91 -15.16
CA MET A 381 -10.81 -1.55 -13.93
C MET A 381 -10.62 -3.05 -14.04
N LYS A 382 -10.15 -3.65 -12.96
CA LYS A 382 -10.24 -5.09 -12.77
C LYS A 382 -10.80 -5.31 -11.38
N CYS A 383 -11.82 -6.18 -11.28
CA CYS A 383 -12.38 -6.52 -9.98
C CYS A 383 -12.97 -7.91 -10.04
N GLU A 384 -13.17 -8.49 -8.87
CA GLU A 384 -13.62 -9.86 -8.74
C GLU A 384 -14.92 -9.92 -7.94
N LEU A 385 -15.93 -10.56 -8.51
CA LEU A 385 -17.21 -10.77 -7.85
C LEU A 385 -17.29 -12.21 -7.40
N ASN A 386 -17.20 -12.42 -6.09
CA ASN A 386 -17.24 -13.74 -5.50
C ASN A 386 -18.46 -13.87 -4.60
N VAL A 387 -18.88 -15.10 -4.37
CA VAL A 387 -20.06 -15.39 -3.53
C VAL A 387 -19.62 -16.30 -2.41
N ILE A 388 -19.84 -15.87 -1.16
CA ILE A 388 -19.53 -16.66 0.02
C ILE A 388 -20.67 -16.53 1.02
N ASP A 389 -21.45 -17.60 1.18
CA ASP A 389 -22.42 -17.72 2.27
C ASP A 389 -23.40 -16.55 2.34
N ASN A 390 -24.26 -16.43 1.33
CA ASN A 390 -25.35 -15.44 1.33
C ASN A 390 -24.80 -14.02 1.18
N GLN A 391 -23.75 -13.88 0.39
CA GLN A 391 -23.11 -12.59 0.25
C GLN A 391 -22.66 -12.39 -1.19
N LEU A 392 -22.00 -11.27 -1.43
CA LEU A 392 -21.44 -10.94 -2.74
C LEU A 392 -20.43 -9.82 -2.52
N GLN A 393 -19.24 -10.00 -3.06
CA GLN A 393 -18.15 -9.07 -2.84
C GLN A 393 -17.67 -8.50 -4.16
N CYS A 394 -17.45 -7.19 -4.20
CA CYS A 394 -16.90 -6.50 -5.35
C CYS A 394 -15.59 -5.87 -4.92
N LYS A 395 -14.50 -6.63 -5.06
CA LYS A 395 -13.18 -6.18 -4.60
C LYS A 395 -12.37 -5.65 -5.77
N TRP A 396 -11.87 -4.42 -5.61
CA TRP A 396 -11.10 -3.75 -6.65
C TRP A 396 -9.69 -4.30 -6.72
N ILE A 397 -9.21 -4.62 -7.93
CA ILE A 397 -7.85 -5.12 -8.06
C ILE A 397 -7.06 -4.41 -9.15
N GLU A 398 -7.51 -3.25 -9.59
CA GLU A 398 -6.77 -2.46 -10.58
C GLU A 398 -7.50 -1.15 -10.81
N GLY A 399 -6.77 -0.18 -11.37
CA GLY A 399 -7.35 1.09 -11.78
C GLY A 399 -6.77 2.29 -11.04
N TYR A 400 -6.75 3.42 -11.73
CA TYR A 400 -6.35 4.69 -11.14
C TYR A 400 -7.54 5.58 -10.80
N ASP A 401 -8.76 5.12 -11.02
CA ASP A 401 -9.94 5.98 -10.94
C ASP A 401 -11.01 5.31 -10.08
N TYR A 402 -11.50 6.03 -9.08
CA TYR A 402 -12.52 5.51 -8.19
C TYR A 402 -13.93 5.64 -8.74
N ASN A 403 -14.14 6.51 -9.73
CA ASN A 403 -15.48 6.67 -10.30
C ASN A 403 -15.95 5.37 -10.94
N VAL A 404 -15.07 4.67 -11.65
CA VAL A 404 -15.46 3.42 -12.30
C VAL A 404 -15.87 2.40 -11.26
N TYR A 405 -15.11 2.29 -10.17
CA TYR A 405 -15.44 1.31 -9.14
C TYR A 405 -16.78 1.63 -8.49
N GLU A 406 -16.99 2.90 -8.14
CA GLU A 406 -18.24 3.28 -7.48
C GLU A 406 -19.42 3.05 -8.41
N SER A 407 -19.28 3.40 -9.69
CA SER A 407 -20.37 3.20 -10.64
C SER A 407 -20.70 1.73 -10.79
N PHE A 408 -19.68 0.87 -10.92
CA PHE A 408 -19.94 -0.55 -11.02
C PHE A 408 -20.60 -1.08 -9.76
N CYS A 409 -20.16 -0.62 -8.59
CA CYS A 409 -20.76 -1.09 -7.34
C CYS A 409 -22.24 -0.73 -7.26
N SER A 410 -22.58 0.51 -7.60
CA SER A 410 -23.97 0.92 -7.53
C SER A 410 -24.83 0.17 -8.55
N ALA A 411 -24.30 -0.03 -9.76
CA ALA A 411 -25.05 -0.78 -10.76
C ALA A 411 -25.30 -2.21 -10.29
N LEU A 412 -24.30 -2.83 -9.67
CA LEU A 412 -24.48 -4.17 -9.15
C LEU A 412 -25.51 -4.20 -8.03
N ALA A 413 -25.49 -3.21 -7.13
CA ALA A 413 -26.47 -3.18 -6.05
C ALA A 413 -27.89 -3.10 -6.60
N ARG A 414 -28.11 -2.24 -7.60
CA ARG A 414 -29.42 -2.21 -8.23
C ARG A 414 -29.75 -3.52 -8.95
N ALA A 415 -28.74 -4.20 -9.50
CA ALA A 415 -29.00 -5.49 -10.12
C ALA A 415 -29.49 -6.51 -9.09
N LEU A 416 -28.88 -6.54 -7.92
CA LEU A 416 -29.39 -7.38 -6.84
C LEU A 416 -30.82 -6.99 -6.46
N ARG A 417 -31.08 -5.69 -6.33
CA ARG A 417 -32.39 -5.26 -5.87
C ARG A 417 -33.49 -5.63 -6.85
N ASP A 418 -33.23 -5.48 -8.14
CA ASP A 418 -34.24 -5.78 -9.16
C ASP A 418 -34.41 -7.27 -9.42
N ASN A 419 -33.84 -8.13 -8.58
CA ASN A 419 -34.01 -9.57 -8.73
C ASN A 419 -34.46 -10.19 -7.41
N LYS A 420 -34.03 -9.62 -6.30
CA LYS A 420 -34.50 -10.10 -5.00
C LYS A 420 -36.01 -9.98 -4.88
N LYS A 421 -36.57 -8.88 -5.36
CA LYS A 421 -38.00 -8.64 -5.28
C LYS A 421 -38.73 -9.33 -6.43
N SAM C . 14.00 1.21 13.26
CA SAM C . 15.18 1.40 12.37
C SAM C . 16.16 0.23 12.57
O SAM C . 17.16 0.44 13.30
OXT SAM C . 15.90 -0.84 11.98
CB SAM C . 15.89 2.72 12.69
CG SAM C . 15.21 3.94 12.12
SD SAM C . 15.66 5.34 13.18
CE SAM C . 14.14 5.65 14.06
C5' SAM C . 15.69 6.68 11.96
C4' SAM C . 16.71 6.39 10.88
O4' SAM C . 16.76 7.48 9.94
C3' SAM C . 18.15 6.18 11.34
O3' SAM C . 18.52 4.81 11.31
C2' SAM C . 18.99 6.99 10.34
O2' SAM C . 20.02 6.22 9.77
C1' SAM C . 17.98 7.36 9.27
N9 SAM C . 18.31 8.60 8.58
C8 SAM C . 18.07 9.88 9.01
N7 SAM C . 18.50 10.80 8.17
C5 SAM C . 19.07 10.07 7.13
C6 SAM C . 19.71 10.46 5.93
N6 SAM C . 19.88 11.73 5.57
N1 SAM C . 20.17 9.48 5.13
C2 SAM C . 19.98 8.21 5.49
N3 SAM C . 19.40 7.72 6.59
C4 SAM C . 18.96 8.71 7.38
#